data_6U61
#
_entry.id   6U61
#
_cell.length_a   69.538
_cell.length_b   86.752
_cell.length_c   115.480
_cell.angle_alpha   90.00
_cell.angle_beta   90.00
_cell.angle_gamma   90.00
#
_symmetry.space_group_name_H-M   'C 2 2 21'
#
loop_
_entity.id
_entity.type
_entity.pdbx_description
1 polymer 'Bromodomain-containing protein 2'
2 polymer 'cyclic peptide 3.1_3'
3 non-polymer 'ZINC ION'
4 water water
#
loop_
_entity_poly.entity_id
_entity_poly.type
_entity_poly.pdbx_seq_one_letter_code
_entity_poly.pdbx_strand_id
1 'polypeptide(L)'
;QGPLGSEVSNPKKPGRVTNQLQYLHKVVMKALWKHQFAWPFRQPVDAVKLGLPDYHKIIKQPMDMGTIKRRLENNYYWAA
SECMQDFNTMFTNCYIYNKPTDDIVLMAQTLEKIFLQKVASMPQEEQELVVTIPKN
;
A,B
2 'polypeptide(L)' (ACE)WWIIP(ALY)VK(ALY)GC(NH2) E,D
#
# COMPACT_ATOMS: atom_id res chain seq x y z
N LYS A 12 -12.66 10.67 24.16
CA LYS A 12 -11.68 11.36 23.34
C LYS A 12 -12.26 11.68 21.96
N LYS A 13 -11.39 11.99 21.00
CA LYS A 13 -11.84 12.28 19.65
C LYS A 13 -12.42 11.03 18.99
N PRO A 14 -13.30 11.19 18.02
CA PRO A 14 -13.87 10.02 17.34
C PRO A 14 -12.82 9.26 16.55
N GLY A 15 -12.76 7.95 16.77
CA GLY A 15 -11.84 7.10 16.02
C GLY A 15 -12.56 5.87 15.51
N ARG A 16 -12.05 5.35 14.40
CA ARG A 16 -12.67 4.19 13.77
C ARG A 16 -11.62 3.46 12.94
N VAL A 17 -12.02 2.30 12.41
CA VAL A 17 -11.17 1.48 11.56
C VAL A 17 -11.75 1.52 10.15
N THR A 18 -10.91 1.87 9.18
CA THR A 18 -11.29 1.88 7.77
C THR A 18 -10.31 1.06 6.96
N ASN A 19 -10.72 0.71 5.74
CA ASN A 19 -9.87 -0.09 4.86
C ASN A 19 -8.58 0.66 4.53
N GLN A 20 -8.67 1.98 4.37
CA GLN A 20 -7.48 2.77 4.05
C GLN A 20 -6.55 2.89 5.25
N LEU A 21 -7.12 3.00 6.45
CA LEU A 21 -6.29 3.05 7.65
C LEU A 21 -5.60 1.73 7.90
N GLN A 22 -6.29 0.61 7.63
CA GLN A 22 -5.65 -0.69 7.75
C GLN A 22 -4.53 -0.85 6.74
N TYR A 23 -4.73 -0.33 5.52
CA TYR A 23 -3.69 -0.39 4.51
C TYR A 23 -2.49 0.43 4.91
N LEU A 24 -2.71 1.67 5.38
CA LEU A 24 -1.60 2.50 5.83
C LEU A 24 -0.84 1.86 6.97
N HIS A 25 -1.52 1.06 7.79
CA HIS A 25 -0.88 0.40 8.91
C HIS A 25 -0.12 -0.85 8.47
N LYS A 26 -0.83 -1.82 7.90
CA LYS A 26 -0.27 -3.14 7.63
C LYS A 26 0.59 -3.18 6.37
N VAL A 27 0.60 -2.13 5.55
CA VAL A 27 1.38 -2.15 4.32
C VAL A 27 2.37 -0.99 4.31
N VAL A 28 1.87 0.23 4.48
CA VAL A 28 2.72 1.40 4.35
C VAL A 28 3.64 1.56 5.55
N MET A 29 3.06 1.58 6.75
CA MET A 29 3.88 1.75 7.95
C MET A 29 4.84 0.59 8.14
N LYS A 30 4.42 -0.62 7.77
CA LYS A 30 5.31 -1.78 7.88
C LYS A 30 6.56 -1.60 7.03
N ALA A 31 6.39 -1.09 5.80
CA ALA A 31 7.53 -0.91 4.91
C ALA A 31 8.50 0.14 5.42
N LEU A 32 7.98 1.20 6.05
CA LEU A 32 8.82 2.32 6.47
C LEU A 32 9.46 2.11 7.83
N TRP A 33 8.78 1.40 8.74
CA TRP A 33 9.30 1.26 10.10
C TRP A 33 10.59 0.46 10.14
N LYS A 34 10.73 -0.55 9.27
CA LYS A 34 11.92 -1.37 9.20
C LYS A 34 12.98 -0.83 8.24
N HIS A 35 12.71 0.29 7.58
CA HIS A 35 13.62 0.82 6.58
C HIS A 35 14.94 1.25 7.22
N GLN A 36 16.00 1.24 6.40
CA GLN A 36 17.33 1.57 6.90
C GLN A 36 17.46 3.05 7.24
N PHE A 37 16.71 3.90 6.57
CA PHE A 37 16.74 5.34 6.80
C PHE A 37 15.71 5.80 7.84
N ALA A 38 15.08 4.87 8.55
CA ALA A 38 13.96 5.22 9.43
C ALA A 38 14.38 5.66 10.82
N TRP A 39 15.60 5.32 11.25
CA TRP A 39 15.97 5.54 12.64
C TRP A 39 15.85 6.98 13.13
N PRO A 40 16.09 8.03 12.33
CA PRO A 40 15.88 9.39 12.84
C PRO A 40 14.41 9.79 12.96
N PHE A 41 13.48 8.99 12.45
CA PHE A 41 12.08 9.36 12.39
C PHE A 41 11.18 8.52 13.28
N ARG A 42 11.72 7.53 13.99
CA ARG A 42 10.89 6.67 14.81
C ARG A 42 10.54 7.26 16.17
N GLN A 43 11.03 8.46 16.47
CA GLN A 43 10.78 9.11 17.75
C GLN A 43 10.78 10.62 17.52
N PRO A 44 10.13 11.39 18.39
CA PRO A 44 10.14 12.85 18.23
C PRO A 44 11.56 13.40 18.21
N VAL A 45 11.77 14.41 17.35
CA VAL A 45 13.05 15.11 17.32
C VAL A 45 13.34 15.72 18.68
N ASP A 46 14.52 15.43 19.22
CA ASP A 46 14.98 16.02 20.48
C ASP A 46 16.01 17.09 20.13
N ALA A 47 15.52 18.31 19.92
CA ALA A 47 16.39 19.40 19.47
C ALA A 47 17.42 19.79 20.52
N VAL A 48 17.16 19.52 21.80
CA VAL A 48 18.15 19.81 22.82
C VAL A 48 19.29 18.80 22.77
N LYS A 49 18.95 17.51 22.71
CA LYS A 49 19.98 16.48 22.65
C LYS A 49 20.79 16.56 21.36
N LEU A 50 20.16 17.00 20.27
CA LEU A 50 20.85 17.11 18.99
C LEU A 50 21.47 18.47 18.75
N GLY A 51 21.21 19.44 19.63
CA GLY A 51 21.77 20.78 19.47
C GLY A 51 21.25 21.49 18.24
N LEU A 52 19.93 21.43 18.01
CA LEU A 52 19.33 22.05 16.85
C LEU A 52 18.74 23.39 17.25
N PRO A 53 19.36 24.51 16.90
CA PRO A 53 18.83 25.80 17.35
C PRO A 53 17.52 26.16 16.66
N ASP A 54 16.63 26.77 17.43
CA ASP A 54 15.36 27.32 16.94
C ASP A 54 14.47 26.27 16.29
N TYR A 55 14.65 24.99 16.62
CA TYR A 55 13.86 23.96 15.96
C TYR A 55 12.39 24.10 16.30
N HIS A 56 12.06 24.17 17.59
CA HIS A 56 10.67 24.25 18.00
C HIS A 56 10.09 25.65 17.87
N LYS A 57 10.92 26.65 17.61
CA LYS A 57 10.39 27.93 17.17
C LYS A 57 10.04 27.91 15.69
N ILE A 58 10.74 27.10 14.90
CA ILE A 58 10.46 26.97 13.48
C ILE A 58 9.42 25.89 13.21
N ILE A 59 9.53 24.74 13.88
CA ILE A 59 8.64 23.62 13.69
C ILE A 59 7.58 23.68 14.78
N LYS A 60 6.39 24.16 14.43
CA LYS A 60 5.30 24.29 15.39
C LYS A 60 4.48 23.02 15.55
N GLN A 61 4.56 22.10 14.60
CA GLN A 61 3.81 20.84 14.63
C GLN A 61 4.76 19.69 14.37
N PRO A 62 5.54 19.28 15.37
CA PRO A 62 6.44 18.14 15.18
C PRO A 62 5.66 16.85 15.03
N MET A 63 6.19 15.95 14.21
CA MET A 63 5.54 14.68 13.93
C MET A 63 6.59 13.64 13.60
N ASP A 64 6.32 12.40 13.98
CA ASP A 64 7.27 11.31 13.79
C ASP A 64 6.50 10.03 13.52
N MET A 65 7.21 9.03 12.97
CA MET A 65 6.60 7.75 12.67
C MET A 65 6.17 7.01 13.93
N GLY A 66 6.90 7.22 15.03
CA GLY A 66 6.49 6.59 16.28
C GLY A 66 5.12 7.05 16.74
N THR A 67 4.86 8.36 16.65
CA THR A 67 3.53 8.87 16.99
C THR A 67 2.49 8.37 16.00
N ILE A 68 2.81 8.35 14.72
CA ILE A 68 1.87 7.85 13.71
C ILE A 68 1.56 6.38 13.96
N LYS A 69 2.59 5.60 14.31
CA LYS A 69 2.39 4.19 14.57
C LYS A 69 1.43 3.96 15.74
N ARG A 70 1.65 4.68 16.85
CA ARG A 70 0.78 4.52 18.01
C ARG A 70 -0.65 4.95 17.68
N ARG A 71 -0.81 6.02 16.90
CA ARG A 71 -2.15 6.47 16.55
C ARG A 71 -2.87 5.42 15.69
N LEU A 72 -2.16 4.80 14.76
CA LEU A 72 -2.77 3.75 13.95
C LEU A 72 -3.13 2.53 14.81
N GLU A 73 -2.27 2.16 15.75
CA GLU A 73 -2.51 0.98 16.57
C GLU A 73 -3.51 1.22 17.69
N ASN A 74 -3.89 2.47 17.94
CA ASN A 74 -4.89 2.80 18.96
C ASN A 74 -6.18 3.37 18.38
N ASN A 75 -6.36 3.28 17.06
CA ASN A 75 -7.56 3.79 16.39
C ASN A 75 -7.80 5.26 16.71
N TYR A 76 -6.71 6.03 16.73
CA TYR A 76 -6.81 7.46 17.00
C TYR A 76 -7.46 8.20 15.85
N TYR A 77 -7.19 7.78 14.61
CA TYR A 77 -7.64 8.52 13.43
C TYR A 77 -9.09 8.20 13.12
N TRP A 78 -9.80 9.22 12.62
CA TRP A 78 -11.15 9.04 12.10
C TRP A 78 -11.14 8.66 10.61
N ALA A 79 -10.25 9.27 9.84
CA ALA A 79 -10.14 8.99 8.41
C ALA A 79 -8.68 8.89 8.04
N ALA A 80 -8.42 8.24 6.90
CA ALA A 80 -7.04 8.05 6.45
C ALA A 80 -6.38 9.37 6.08
N SER A 81 -7.17 10.37 5.72
CA SER A 81 -6.61 11.66 5.35
C SER A 81 -5.91 12.33 6.55
N GLU A 82 -6.39 12.06 7.76
CA GLU A 82 -5.70 12.57 8.95
C GLU A 82 -4.33 11.92 9.10
N CYS A 83 -4.25 10.61 8.88
CA CYS A 83 -2.96 9.92 8.93
C CYS A 83 -2.04 10.39 7.81
N MET A 84 -2.59 10.59 6.61
CA MET A 84 -1.79 11.10 5.50
C MET A 84 -1.22 12.48 5.81
N GLN A 85 -2.02 13.33 6.47
CA GLN A 85 -1.54 14.65 6.85
C GLN A 85 -0.36 14.56 7.81
N ASP A 86 -0.42 13.62 8.77
CA ASP A 86 0.67 13.47 9.72
C ASP A 86 1.95 13.02 9.02
N PHE A 87 1.85 12.11 8.06
CA PHE A 87 3.03 11.70 7.30
C PHE A 87 3.61 12.88 6.53
N ASN A 88 2.77 13.69 5.90
CA ASN A 88 3.26 14.82 5.13
C ASN A 88 3.77 15.94 6.04
N THR A 89 3.21 16.06 7.25
CA THR A 89 3.78 17.02 8.21
C THR A 89 5.20 16.61 8.59
N MET A 90 5.41 15.32 8.86
CA MET A 90 6.74 14.84 9.22
C MET A 90 7.77 15.14 8.12
N PHE A 91 7.42 14.81 6.88
CA PHE A 91 8.34 15.08 5.77
C PHE A 91 8.57 16.58 5.61
N THR A 92 7.48 17.36 5.60
CA THR A 92 7.59 18.80 5.37
C THR A 92 8.43 19.47 6.45
N ASN A 93 8.23 19.07 7.72
CA ASN A 93 9.04 19.62 8.80
C ASN A 93 10.52 19.39 8.56
N CYS A 94 10.88 18.23 8.01
CA CYS A 94 12.28 17.93 7.74
C CYS A 94 12.81 18.85 6.64
N TYR A 95 12.01 19.12 5.61
CA TYR A 95 12.48 19.95 4.51
C TYR A 95 12.53 21.43 4.90
N ILE A 96 11.70 21.83 5.87
CA ILE A 96 11.66 23.24 6.25
C ILE A 96 12.84 23.61 7.13
N TYR A 97 13.19 22.76 8.09
CA TYR A 97 14.23 23.12 9.05
C TYR A 97 15.63 22.84 8.49
N ASN A 98 15.84 21.68 7.91
CA ASN A 98 17.17 21.26 7.50
C ASN A 98 17.52 21.80 6.12
N LYS A 99 18.83 21.84 5.83
CA LYS A 99 19.31 22.30 4.55
C LYS A 99 19.10 21.23 3.48
N PRO A 100 18.87 21.65 2.22
CA PRO A 100 18.48 20.67 1.19
C PRO A 100 19.49 19.56 0.95
N THR A 101 20.77 19.79 1.23
CA THR A 101 21.81 18.79 0.99
C THR A 101 22.28 18.11 2.27
N ASP A 102 21.60 18.32 3.39
CA ASP A 102 21.90 17.57 4.59
C ASP A 102 21.52 16.10 4.42
N ASP A 103 22.21 15.24 5.16
CA ASP A 103 21.92 13.80 5.06
C ASP A 103 20.48 13.49 5.44
N ILE A 104 19.91 14.23 6.39
CA ILE A 104 18.56 13.92 6.87
C ILE A 104 17.52 14.14 5.78
N VAL A 105 17.73 15.14 4.91
CA VAL A 105 16.77 15.42 3.85
C VAL A 105 16.78 14.30 2.81
N LEU A 106 17.98 13.81 2.47
CA LEU A 106 18.07 12.71 1.52
C LEU A 106 17.40 11.45 2.06
N MET A 107 17.59 11.18 3.36
CA MET A 107 16.91 10.04 3.97
C MET A 107 15.40 10.23 3.98
N ALA A 108 14.94 11.46 4.25
CA ALA A 108 13.49 11.72 4.21
C ALA A 108 12.94 11.56 2.80
N GLN A 109 13.67 12.05 1.79
CA GLN A 109 13.23 11.90 0.41
C GLN A 109 13.17 10.44 0.00
N THR A 110 14.08 9.61 0.50
CA THR A 110 14.06 8.19 0.19
C THR A 110 12.87 7.51 0.85
N LEU A 111 12.56 7.86 2.10
CA LEU A 111 11.41 7.29 2.77
C LEU A 111 10.10 7.75 2.15
N GLU A 112 10.04 9.01 1.72
CA GLU A 112 8.84 9.51 1.08
C GLU A 112 8.63 8.86 -0.29
N LYS A 113 9.72 8.52 -0.98
CA LYS A 113 9.60 7.81 -2.26
C LYS A 113 8.88 6.47 -2.07
N ILE A 114 9.30 5.69 -1.08
CA ILE A 114 8.61 4.43 -0.78
C ILE A 114 7.21 4.70 -0.27
N PHE A 115 7.02 5.80 0.46
CA PHE A 115 5.68 6.13 0.96
C PHE A 115 4.71 6.36 -0.19
N LEU A 116 5.11 7.18 -1.16
CA LEU A 116 4.24 7.47 -2.29
C LEU A 116 3.99 6.22 -3.14
N GLN A 117 5.01 5.36 -3.27
CA GLN A 117 4.86 4.15 -4.05
C GLN A 117 3.80 3.23 -3.44
N LYS A 118 3.80 3.08 -2.12
CA LYS A 118 2.83 2.20 -1.48
C LYS A 118 1.45 2.85 -1.39
N VAL A 119 1.41 4.17 -1.16
CA VAL A 119 0.14 4.87 -1.09
C VAL A 119 -0.54 4.90 -2.45
N ALA A 120 0.25 4.85 -3.54
CA ALA A 120 -0.34 4.84 -4.87
C ALA A 120 -1.24 3.63 -5.09
N SER A 121 -0.99 2.54 -4.37
CA SER A 121 -1.79 1.32 -4.48
C SER A 121 -2.86 1.23 -3.41
N MET A 122 -3.07 2.30 -2.63
CA MET A 122 -4.08 2.27 -1.60
C MET A 122 -5.48 2.21 -2.23
N PRO A 123 -6.41 1.47 -1.63
CA PRO A 123 -7.79 1.48 -2.13
C PRO A 123 -8.36 2.90 -2.09
N GLN A 124 -8.93 3.32 -3.22
CA GLN A 124 -9.33 4.72 -3.35
C GLN A 124 -10.61 5.03 -2.58
N GLU A 125 -11.47 4.05 -2.39
CA GLU A 125 -12.72 4.26 -1.65
C GLU A 125 -12.53 3.87 -0.19
N GLU A 126 -12.72 4.84 0.70
CA GLU A 126 -12.57 4.59 2.13
C GLU A 126 -13.90 4.11 2.70
N GLN A 127 -13.89 2.93 3.31
CA GLN A 127 -15.07 2.35 3.91
C GLN A 127 -14.78 1.97 5.35
N GLU A 128 -15.77 2.22 6.23
CA GLU A 128 -15.61 1.89 7.64
C GLU A 128 -15.77 0.40 7.87
N LEU A 129 -14.90 -0.16 8.70
CA LEU A 129 -14.92 -1.59 9.00
C LEU A 129 -15.33 -1.83 10.45
N LYS B 13 -23.14 -0.46 -18.03
CA LYS B 13 -23.34 -1.62 -18.91
C LYS B 13 -22.53 -1.64 -20.22
N PRO B 14 -22.31 -0.49 -20.87
CA PRO B 14 -21.56 -0.51 -22.13
C PRO B 14 -20.13 -0.98 -21.92
N GLY B 15 -19.75 -2.01 -22.70
CA GLY B 15 -18.39 -2.51 -22.73
C GLY B 15 -17.63 -2.00 -23.95
N ARG B 16 -16.39 -2.46 -24.07
CA ARG B 16 -15.50 -2.00 -25.13
C ARG B 16 -14.26 -2.87 -25.16
N VAL B 17 -13.56 -2.84 -26.29
CA VAL B 17 -12.30 -3.55 -26.48
C VAL B 17 -11.27 -2.54 -26.95
N THR B 18 -10.25 -2.31 -26.13
CA THR B 18 -9.19 -1.36 -26.44
C THR B 18 -7.85 -2.08 -26.48
N ASN B 19 -6.82 -1.36 -26.95
CA ASN B 19 -5.49 -1.93 -27.00
C ASN B 19 -4.95 -2.23 -25.61
N GLN B 20 -5.33 -1.42 -24.62
CA GLN B 20 -4.87 -1.68 -23.26
C GLN B 20 -5.61 -2.87 -22.64
N LEU B 21 -6.91 -2.97 -22.88
CA LEU B 21 -7.67 -4.12 -22.38
C LEU B 21 -7.18 -5.42 -23.00
N GLN B 22 -6.86 -5.40 -24.29
CA GLN B 22 -6.31 -6.59 -24.93
C GLN B 22 -4.94 -6.94 -24.38
N TYR B 23 -4.13 -5.92 -24.07
CA TYR B 23 -2.81 -6.17 -23.49
C TYR B 23 -2.94 -6.79 -22.10
N LEU B 24 -3.85 -6.27 -21.28
CA LEU B 24 -4.09 -6.85 -19.97
C LEU B 24 -4.57 -8.30 -20.09
N HIS B 25 -5.33 -8.60 -21.15
CA HIS B 25 -5.85 -9.95 -21.35
C HIS B 25 -4.77 -10.89 -21.87
N LYS B 26 -4.20 -10.59 -23.04
CA LYS B 26 -3.35 -11.52 -23.74
C LYS B 26 -1.90 -11.54 -23.23
N VAL B 27 -1.50 -10.59 -22.39
CA VAL B 27 -0.14 -10.51 -21.89
C VAL B 27 -0.09 -10.57 -20.36
N VAL B 28 -0.83 -9.69 -19.69
CA VAL B 28 -0.76 -9.64 -18.23
C VAL B 28 -1.52 -10.82 -17.63
N MET B 29 -2.76 -11.03 -18.04
CA MET B 29 -3.56 -12.11 -17.48
C MET B 29 -2.97 -13.47 -17.84
N LYS B 30 -2.48 -13.62 -19.07
CA LYS B 30 -1.89 -14.90 -19.48
C LYS B 30 -0.67 -15.23 -18.63
N ALA B 31 0.16 -14.23 -18.32
CA ALA B 31 1.35 -14.47 -17.53
C ALA B 31 1.03 -14.78 -16.08
N LEU B 32 -0.09 -14.27 -15.57
CA LEU B 32 -0.45 -14.48 -14.17
C LEU B 32 -1.32 -15.71 -13.97
N TRP B 33 -2.22 -16.00 -14.92
CA TRP B 33 -3.13 -17.13 -14.75
C TRP B 33 -2.39 -18.46 -14.68
N LYS B 34 -1.25 -18.57 -15.36
CA LYS B 34 -0.51 -19.81 -15.39
C LYS B 34 0.55 -19.92 -14.30
N HIS B 35 0.76 -18.86 -13.52
CA HIS B 35 1.83 -18.87 -12.53
C HIS B 35 1.57 -19.91 -11.46
N GLN B 36 2.67 -20.43 -10.89
CA GLN B 36 2.55 -21.49 -9.88
C GLN B 36 1.90 -21.00 -8.59
N PHE B 37 1.82 -19.68 -8.38
CA PHE B 37 1.23 -19.10 -7.18
C PHE B 37 -0.17 -18.57 -7.42
N ALA B 38 -0.76 -18.87 -8.58
CA ALA B 38 -2.03 -18.25 -8.97
C ALA B 38 -3.25 -18.99 -8.44
N TRP B 39 -3.10 -20.24 -7.99
CA TRP B 39 -4.28 -21.03 -7.64
C TRP B 39 -5.15 -20.42 -6.55
N PRO B 40 -4.64 -19.73 -5.51
CA PRO B 40 -5.55 -19.14 -4.52
C PRO B 40 -6.32 -17.94 -5.04
N PHE B 41 -5.99 -17.43 -6.22
CA PHE B 41 -6.64 -16.24 -6.75
C PHE B 41 -7.48 -16.50 -7.99
N ARG B 42 -7.60 -17.75 -8.43
CA ARG B 42 -8.39 -18.05 -9.62
C ARG B 42 -9.89 -18.06 -9.37
N GLN B 43 -10.31 -18.02 -8.12
CA GLN B 43 -11.71 -18.07 -7.74
C GLN B 43 -11.92 -17.17 -6.53
N PRO B 44 -13.15 -16.73 -6.27
CA PRO B 44 -13.40 -15.91 -5.08
C PRO B 44 -13.02 -16.66 -3.81
N VAL B 45 -12.65 -15.88 -2.78
CA VAL B 45 -12.29 -16.47 -1.50
C VAL B 45 -13.53 -17.09 -0.86
N ASP B 46 -13.42 -18.35 -0.45
CA ASP B 46 -14.47 -19.03 0.30
C ASP B 46 -14.12 -18.91 1.78
N ALA B 47 -14.60 -17.82 2.40
CA ALA B 47 -14.26 -17.54 3.80
C ALA B 47 -14.78 -18.63 4.73
N VAL B 48 -15.93 -19.21 4.43
CA VAL B 48 -16.50 -20.24 5.30
C VAL B 48 -15.69 -21.53 5.20
N LYS B 49 -15.31 -21.93 3.99
CA LYS B 49 -14.57 -23.17 3.83
C LYS B 49 -13.18 -23.06 4.42
N LEU B 50 -12.50 -21.92 4.22
CA LEU B 50 -11.18 -21.71 4.78
C LEU B 50 -11.20 -21.37 6.26
N GLY B 51 -12.38 -21.14 6.84
CA GLY B 51 -12.48 -20.80 8.25
C GLY B 51 -11.87 -19.44 8.56
N LEU B 52 -12.18 -18.44 7.74
CA LEU B 52 -11.64 -17.10 7.91
C LEU B 52 -12.70 -16.22 8.55
N PRO B 53 -12.70 -16.05 9.87
CA PRO B 53 -13.78 -15.29 10.52
C PRO B 53 -13.70 -13.81 10.17
N ASP B 54 -14.88 -13.21 9.96
CA ASP B 54 -15.01 -11.78 9.69
C ASP B 54 -14.28 -11.36 8.41
N TYR B 55 -14.20 -12.26 7.43
CA TYR B 55 -13.51 -11.90 6.19
C TYR B 55 -14.31 -10.88 5.39
N HIS B 56 -15.63 -11.08 5.27
CA HIS B 56 -16.45 -10.18 4.50
C HIS B 56 -16.75 -8.87 5.23
N LYS B 57 -16.51 -8.80 6.55
CA LYS B 57 -16.60 -7.53 7.25
C LYS B 57 -15.39 -6.66 6.95
N ILE B 58 -14.21 -7.26 6.82
CA ILE B 58 -13.01 -6.50 6.47
C ILE B 58 -12.94 -6.27 4.97
N ILE B 59 -13.32 -7.26 4.18
CA ILE B 59 -13.26 -7.19 2.72
C ILE B 59 -14.70 -6.97 2.24
N LYS B 60 -15.02 -5.72 1.93
CA LYS B 60 -16.36 -5.40 1.46
C LYS B 60 -16.56 -5.77 -0.01
N GLN B 61 -15.51 -5.59 -0.83
CA GLN B 61 -15.58 -5.80 -2.27
C GLN B 61 -14.58 -6.87 -2.67
N PRO B 62 -14.94 -8.15 -2.59
CA PRO B 62 -14.00 -9.21 -3.00
C PRO B 62 -13.71 -9.13 -4.49
N MET B 63 -12.53 -9.64 -4.87
CA MET B 63 -12.11 -9.66 -6.26
C MET B 63 -11.05 -10.74 -6.43
N ASP B 64 -11.07 -11.38 -7.60
CA ASP B 64 -10.15 -12.47 -7.89
C ASP B 64 -9.82 -12.45 -9.37
N MET B 65 -8.78 -13.22 -9.74
CA MET B 65 -8.37 -13.29 -11.14
C MET B 65 -9.41 -13.98 -12.01
N GLY B 66 -10.19 -14.90 -11.43
CA GLY B 66 -11.24 -15.54 -12.20
C GLY B 66 -12.27 -14.55 -12.71
N THR B 67 -12.74 -13.67 -11.81
CA THR B 67 -13.71 -12.66 -12.23
C THR B 67 -13.10 -11.70 -13.23
N ILE B 68 -11.86 -11.27 -13.01
CA ILE B 68 -11.21 -10.34 -13.92
C ILE B 68 -11.02 -10.97 -15.29
N LYS B 69 -10.61 -12.24 -15.32
CA LYS B 69 -10.49 -12.95 -16.59
C LYS B 69 -11.84 -13.04 -17.30
N ARG B 70 -12.91 -13.31 -16.54
CA ARG B 70 -14.23 -13.39 -17.14
C ARG B 70 -14.66 -12.05 -17.71
N ARG B 71 -14.40 -10.96 -16.98
CA ARG B 71 -14.79 -9.63 -17.45
C ARG B 71 -13.99 -9.21 -18.68
N LEU B 72 -12.73 -9.63 -18.77
CA LEU B 72 -11.92 -9.30 -19.94
C LEU B 72 -12.40 -10.05 -21.18
N GLU B 73 -12.85 -11.29 -21.01
CA GLU B 73 -13.26 -12.11 -22.14
C GLU B 73 -14.70 -11.83 -22.58
N ASN B 74 -15.51 -11.24 -21.71
CA ASN B 74 -16.90 -10.92 -22.03
C ASN B 74 -17.11 -9.43 -22.28
N ASN B 75 -16.03 -8.67 -22.47
CA ASN B 75 -16.10 -7.24 -22.80
C ASN B 75 -16.89 -6.46 -21.75
N TYR B 76 -16.68 -6.81 -20.47
CA TYR B 76 -17.35 -6.09 -19.40
C TYR B 76 -16.76 -4.71 -19.17
N TYR B 77 -15.45 -4.56 -19.35
CA TYR B 77 -14.79 -3.29 -19.08
C TYR B 77 -14.96 -2.32 -20.25
N TRP B 78 -15.11 -1.04 -19.93
CA TRP B 78 -15.10 0.02 -20.94
C TRP B 78 -13.74 0.67 -21.09
N ALA B 79 -12.98 0.77 -19.99
CA ALA B 79 -11.63 1.32 -20.02
C ALA B 79 -10.72 0.43 -19.18
N ALA B 80 -9.43 0.49 -19.49
CA ALA B 80 -8.46 -0.30 -18.75
C ALA B 80 -8.37 0.07 -17.28
N SER B 81 -8.77 1.30 -16.94
CA SER B 81 -8.75 1.73 -15.54
C SER B 81 -9.64 0.83 -14.68
N GLU B 82 -10.77 0.40 -15.23
CA GLU B 82 -11.66 -0.48 -14.47
C GLU B 82 -10.99 -1.81 -14.16
N CYS B 83 -10.25 -2.37 -15.14
CA CYS B 83 -9.55 -3.62 -14.89
C CYS B 83 -8.36 -3.40 -13.96
N MET B 84 -7.70 -2.25 -14.07
CA MET B 84 -6.60 -1.94 -13.16
C MET B 84 -7.10 -1.86 -11.72
N GLN B 85 -8.29 -1.31 -11.51
CA GLN B 85 -8.82 -1.20 -10.16
C GLN B 85 -9.19 -2.57 -9.59
N ASP B 86 -9.68 -3.47 -10.44
CA ASP B 86 -9.99 -4.81 -9.97
C ASP B 86 -8.73 -5.55 -9.54
N PHE B 87 -7.64 -5.41 -10.30
CA PHE B 87 -6.36 -5.97 -9.86
C PHE B 87 -5.92 -5.35 -8.54
N ASN B 88 -5.98 -4.01 -8.44
CA ASN B 88 -5.60 -3.34 -7.20
C ASN B 88 -6.48 -3.79 -6.04
N THR B 89 -7.79 -3.94 -6.28
CA THR B 89 -8.69 -4.43 -5.24
C THR B 89 -8.29 -5.83 -4.79
N MET B 90 -7.94 -6.70 -5.73
CA MET B 90 -7.57 -8.07 -5.37
C MET B 90 -6.29 -8.10 -4.54
N PHE B 91 -5.28 -7.33 -4.93
CA PHE B 91 -4.02 -7.32 -4.20
C PHE B 91 -4.18 -6.69 -2.82
N THR B 92 -4.90 -5.57 -2.73
CA THR B 92 -5.02 -4.87 -1.45
C THR B 92 -5.91 -5.64 -0.47
N ASN B 93 -6.96 -6.31 -0.97
CA ASN B 93 -7.78 -7.13 -0.09
C ASN B 93 -6.95 -8.20 0.60
N CYS B 94 -5.98 -8.77 -0.10
CA CYS B 94 -5.13 -9.78 0.48
C CYS B 94 -4.23 -9.19 1.57
N TYR B 95 -3.60 -8.05 1.27
CA TYR B 95 -2.71 -7.41 2.24
C TYR B 95 -3.47 -6.92 3.46
N ILE B 96 -4.73 -6.50 3.29
CA ILE B 96 -5.47 -5.90 4.40
C ILE B 96 -5.94 -6.96 5.37
N TYR B 97 -6.39 -8.12 4.89
CA TYR B 97 -6.92 -9.14 5.79
C TYR B 97 -5.84 -10.05 6.36
N ASN B 98 -4.86 -10.45 5.56
CA ASN B 98 -3.90 -11.46 5.97
C ASN B 98 -2.69 -10.84 6.66
N LYS B 99 -1.97 -11.68 7.40
CA LYS B 99 -0.76 -11.25 8.09
C LYS B 99 0.37 -11.06 7.10
N PRO B 100 1.31 -10.15 7.38
CA PRO B 100 2.43 -9.93 6.45
C PRO B 100 3.32 -11.14 6.23
N THR B 101 3.30 -12.11 7.14
CA THR B 101 4.15 -13.28 7.03
C THR B 101 3.42 -14.51 6.48
N ASP B 102 2.11 -14.43 6.27
CA ASP B 102 1.36 -15.53 5.69
C ASP B 102 1.89 -15.84 4.28
N ASP B 103 1.81 -17.13 3.91
CA ASP B 103 2.22 -17.54 2.57
C ASP B 103 1.39 -16.85 1.49
N ILE B 104 0.12 -16.56 1.79
CA ILE B 104 -0.76 -15.97 0.78
C ILE B 104 -0.24 -14.59 0.38
N VAL B 105 0.31 -13.84 1.34
CA VAL B 105 0.83 -12.51 1.03
C VAL B 105 2.10 -12.61 0.20
N LEU B 106 2.98 -13.56 0.53
CA LEU B 106 4.19 -13.76 -0.27
C LEU B 106 3.85 -14.11 -1.70
N MET B 107 2.80 -14.92 -1.91
CA MET B 107 2.39 -15.27 -3.27
C MET B 107 1.75 -14.07 -3.97
N ALA B 108 0.98 -13.27 -3.23
CA ALA B 108 0.39 -12.06 -3.82
C ALA B 108 1.48 -11.08 -4.25
N GLN B 109 2.50 -10.89 -3.41
CA GLN B 109 3.61 -9.99 -3.77
C GLN B 109 4.29 -10.45 -5.05
N THR B 110 4.51 -11.76 -5.19
CA THR B 110 5.13 -12.29 -6.41
C THR B 110 4.25 -12.03 -7.63
N LEU B 111 2.94 -12.23 -7.50
CA LEU B 111 2.04 -11.97 -8.61
C LEU B 111 1.90 -10.47 -8.87
N GLU B 112 1.90 -9.66 -7.81
CA GLU B 112 1.88 -8.21 -7.98
C GLU B 112 3.16 -7.72 -8.64
N LYS B 113 4.30 -8.32 -8.27
CA LYS B 113 5.57 -8.00 -8.92
C LYS B 113 5.48 -8.21 -10.43
N ILE B 114 4.98 -9.37 -10.85
CA ILE B 114 4.85 -9.63 -12.29
C ILE B 114 3.79 -8.72 -12.91
N PHE B 115 2.74 -8.40 -12.15
CA PHE B 115 1.72 -7.49 -12.66
C PHE B 115 2.31 -6.13 -12.98
N LEU B 116 3.04 -5.53 -12.03
CA LEU B 116 3.60 -4.20 -12.25
C LEU B 116 4.67 -4.21 -13.34
N GLN B 117 5.41 -5.32 -13.47
CA GLN B 117 6.42 -5.40 -14.52
C GLN B 117 5.78 -5.45 -15.90
N LYS B 118 4.69 -6.22 -16.06
CA LYS B 118 4.06 -6.35 -17.36
C LYS B 118 3.31 -5.08 -17.74
N VAL B 119 2.64 -4.44 -16.78
CA VAL B 119 1.90 -3.21 -17.06
C VAL B 119 2.84 -2.10 -17.48
N ALA B 120 4.09 -2.12 -17.01
CA ALA B 120 5.05 -1.08 -17.36
C ALA B 120 5.28 -0.98 -18.87
N SER B 121 5.05 -2.07 -19.60
CA SER B 121 5.23 -2.08 -21.05
C SER B 121 3.92 -1.98 -21.80
N MET B 122 2.84 -1.61 -21.12
CA MET B 122 1.54 -1.49 -21.78
C MET B 122 1.53 -0.24 -22.68
N PRO B 123 0.85 -0.30 -23.82
CA PRO B 123 0.65 0.92 -24.62
C PRO B 123 0.05 2.04 -23.79
N GLN B 124 0.66 3.21 -23.88
CA GLN B 124 0.32 4.31 -22.97
C GLN B 124 -0.92 5.09 -23.40
N GLU B 125 -1.27 5.08 -24.69
CA GLU B 125 -2.46 5.77 -25.17
C GLU B 125 -3.52 4.73 -25.48
N GLU B 126 -4.57 4.70 -24.68
CA GLU B 126 -5.68 3.78 -24.88
C GLU B 126 -6.56 4.25 -26.03
N GLN B 127 -6.88 3.34 -26.95
CA GLN B 127 -7.76 3.66 -28.06
C GLN B 127 -8.54 2.41 -28.45
N GLU B 128 -9.76 2.64 -28.94
CA GLU B 128 -10.67 1.56 -29.28
C GLU B 128 -10.14 0.78 -30.48
N LEU B 129 -10.42 -0.52 -30.50
CA LEU B 129 -10.00 -1.38 -31.59
C LEU B 129 -11.20 -1.81 -32.44
N TRP C 2 23.75 6.69 13.34
CA TRP C 2 24.12 7.70 14.33
C TRP C 2 24.64 8.93 13.61
N TRP C 3 24.77 10.04 14.33
CA TRP C 3 25.15 11.31 13.72
C TRP C 3 26.61 11.65 14.02
N ILE C 4 27.37 11.97 12.98
CA ILE C 4 28.63 12.67 13.15
C ILE C 4 28.39 14.14 13.43
N ILE C 5 27.67 14.79 12.53
CA ILE C 5 27.11 16.12 12.75
C ILE C 5 25.60 15.98 12.65
N PRO C 6 24.84 16.31 13.71
CA PRO C 6 23.38 16.14 13.78
C PRO C 6 22.65 16.66 12.53
N VAL C 8 23.07 16.82 9.60
CA VAL C 8 23.91 17.18 8.46
C VAL C 8 24.64 15.96 7.90
N LYS C 9 25.31 15.22 8.78
CA LYS C 9 26.11 14.08 8.35
C LYS C 9 26.00 12.92 9.31
N GLY C 11 26.77 8.85 10.48
CA GLY C 11 27.90 7.94 10.53
C GLY C 11 27.60 6.58 9.93
N CYS C 12 26.36 6.12 10.08
CA CYS C 12 25.95 4.82 9.59
C CYS C 12 25.35 4.92 8.19
N TRP D 2 -2.44 -26.42 -2.51
CA TRP D 2 -3.48 -26.52 -1.49
C TRP D 2 -2.92 -26.12 -0.12
N TRP D 3 -3.81 -25.88 0.84
CA TRP D 3 -3.42 -25.35 2.13
C TRP D 3 -3.17 -26.46 3.14
N ILE D 4 -2.23 -26.20 4.05
CA ILE D 4 -2.08 -26.96 5.29
C ILE D 4 -2.76 -26.14 6.37
N ILE D 5 -2.34 -24.88 6.50
CA ILE D 5 -3.03 -23.87 7.28
C ILE D 5 -3.55 -22.83 6.27
N PRO D 6 -4.88 -22.68 6.11
CA PRO D 6 -5.48 -21.75 5.15
C PRO D 6 -4.86 -20.35 5.21
N VAL D 8 -2.20 -19.14 5.66
CA VAL D 8 -0.94 -19.06 6.42
C VAL D 8 0.17 -19.91 5.80
N LYS D 9 -0.14 -21.16 5.47
CA LYS D 9 0.88 -22.04 4.89
C LYS D 9 0.30 -23.05 3.90
N GLY D 11 0.73 -26.28 1.05
CA GLY D 11 1.33 -27.60 1.09
C GLY D 11 1.71 -28.17 -0.27
N CYS D 12 1.31 -27.49 -1.34
CA CYS D 12 1.66 -27.93 -2.68
C CYS D 12 2.89 -27.20 -3.17
#